data_4DDP
#
_entry.id   4DDP
#
_cell.length_a   80.746
_cell.length_b   33.563
_cell.length_c   74.765
_cell.angle_alpha   90.00
_cell.angle_beta   113.49
_cell.angle_gamma   90.00
#
_symmetry.space_group_name_H-M   'C 1 2 1'
#
loop_
_entity.id
_entity.type
_entity.pdbx_description
1 polymer Beclin-1
2 water water
#
_entity_poly.entity_id   1
_entity_poly.type   'polypeptide(L)'
_entity_poly.pdbx_seq_one_letter_code
;LELDDELKSVENQMRYAQTQLDKLKKTNVFNATFHIWHSGQFGTINNFRLGRLPSVPVEWNEINAAWGQTVLLLHALANK
MGLKFQRYRLVPYGNHSYLESLTDKSKELPLYCSGGLRFFWDNKFDHAMVAFLDCVQQFKEEVEKGETRFCLPYRMDVEK
GKIEDTGGSGGSYSIKTQFNSEEQWTKALKFMLTNLKWGLAWVSSQFYNK
;
_entity_poly.pdbx_strand_id   A
#
# COMPACT_ATOMS: atom_id res chain seq x y z
N LYS A 8 -8.61 12.36 14.32
CA LYS A 8 -7.50 12.24 13.39
C LYS A 8 -7.97 11.90 11.97
N SER A 9 -7.54 12.72 11.02
CA SER A 9 -7.91 12.54 9.63
C SER A 9 -6.71 12.06 8.85
N VAL A 10 -6.99 11.20 7.89
CA VAL A 10 -5.94 10.70 7.02
C VAL A 10 -5.26 11.86 6.26
N GLU A 11 -6.01 12.90 5.91
CA GLU A 11 -5.40 14.02 5.23
C GLU A 11 -4.37 14.72 6.11
N ASN A 12 -4.69 14.89 7.39
CA ASN A 12 -3.76 15.47 8.35
C ASN A 12 -2.51 14.57 8.53
N GLN A 13 -2.70 13.26 8.58
CA GLN A 13 -1.57 12.34 8.71
C GLN A 13 -0.64 12.51 7.51
N MET A 14 -1.21 12.69 6.32
CA MET A 14 -0.37 12.85 5.13
C MET A 14 0.37 14.18 5.18
N ARG A 15 -0.28 15.21 5.71
CA ARG A 15 0.34 16.53 5.78
C ARG A 15 1.51 16.50 6.76
N TYR A 16 1.31 15.82 7.87
CA TYR A 16 2.32 15.64 8.89
C TYR A 16 3.56 15.00 8.21
N ALA A 17 3.35 13.97 7.41
CA ALA A 17 4.48 13.33 6.76
C ALA A 17 5.11 14.24 5.72
N GLN A 18 4.29 15.03 5.04
CA GLN A 18 4.80 15.91 4.00
C GLN A 18 5.68 17.00 4.62
N THR A 19 5.39 17.35 5.86
CA THR A 19 6.15 18.39 6.55
C THR A 19 7.57 17.91 6.78
N GLN A 20 7.70 16.68 7.28
CA GLN A 20 9.01 16.08 7.43
C GLN A 20 9.71 16.00 6.05
N LEU A 21 9.02 15.45 5.06
CA LEU A 21 9.64 15.22 3.75
C LEU A 21 10.17 16.52 3.15
N ASP A 22 9.43 17.60 3.30
CA ASP A 22 9.89 18.86 2.75
C ASP A 22 11.19 19.35 3.41
N LYS A 23 11.40 19.04 4.68
CA LYS A 23 12.60 19.53 5.38
C LYS A 23 13.87 18.73 5.05
N LEU A 24 13.75 17.77 4.15
CA LEU A 24 14.88 16.91 3.79
C LEU A 24 15.40 17.21 2.39
N VAL A 29 17.16 11.04 -0.21
CA VAL A 29 17.44 10.94 -1.65
C VAL A 29 17.05 9.56 -2.18
N PHE A 30 16.43 9.54 -3.35
CA PHE A 30 16.01 8.29 -3.97
C PHE A 30 16.23 8.36 -5.48
N ASN A 31 16.31 7.21 -6.11
CA ASN A 31 16.43 7.15 -7.56
C ASN A 31 15.28 7.93 -8.19
N ALA A 32 14.07 7.41 -8.00
CA ALA A 32 12.88 8.07 -8.51
C ALA A 32 12.22 8.86 -7.40
N THR A 33 11.16 9.59 -7.76
CA THR A 33 10.39 10.35 -6.78
C THR A 33 9.09 9.61 -6.53
N PHE A 34 8.62 9.60 -5.28
CA PHE A 34 7.39 8.92 -4.95
C PHE A 34 6.54 9.86 -4.14
N HIS A 35 5.65 10.58 -4.80
CA HIS A 35 4.81 11.51 -4.09
C HIS A 35 3.43 10.93 -3.77
N ILE A 36 3.18 10.73 -2.47
CA ILE A 36 1.91 10.16 -2.02
C ILE A 36 1.05 11.31 -1.56
N TRP A 37 -0.21 11.35 -1.98
CA TRP A 37 -1.11 12.41 -1.54
C TRP A 37 -2.55 11.90 -1.56
N HIS A 38 -3.50 12.81 -1.62
CA HIS A 38 -4.91 12.45 -1.57
C HIS A 38 -5.68 13.27 -2.57
N SER A 39 -6.79 12.70 -3.02
CA SER A 39 -7.68 13.38 -3.93
C SER A 39 -9.06 12.93 -3.51
N GLY A 40 -9.74 13.73 -2.71
CA GLY A 40 -11.00 13.31 -2.13
C GLY A 40 -10.83 12.08 -1.28
N GLN A 41 -11.66 11.10 -1.56
CA GLN A 41 -11.60 9.84 -0.87
C GLN A 41 -10.41 8.98 -1.25
N PHE A 42 -9.70 9.32 -2.34
CA PHE A 42 -8.60 8.50 -2.80
C PHE A 42 -7.27 8.85 -2.17
N GLY A 43 -6.49 7.83 -1.90
CA GLY A 43 -5.05 7.95 -1.84
C GLY A 43 -4.49 7.95 -3.25
N THR A 44 -3.48 8.77 -3.49
CA THR A 44 -2.80 8.79 -4.78
C THR A 44 -1.29 8.58 -4.61
N ILE A 45 -0.64 8.07 -5.66
CA ILE A 45 0.80 7.96 -5.65
C ILE A 45 1.28 8.31 -7.04
N ASN A 46 2.18 9.30 -7.12
CA ASN A 46 2.62 9.86 -8.40
C ASN A 46 1.44 10.12 -9.34
N ASN A 47 0.37 10.65 -8.76
CA ASN A 47 -0.83 11.10 -9.44
C ASN A 47 -1.82 10.05 -9.89
N PHE A 48 -1.57 8.81 -9.56
CA PHE A 48 -2.48 7.71 -9.87
C PHE A 48 -3.33 7.43 -8.64
N ARG A 49 -4.65 7.37 -8.83
CA ARG A 49 -5.58 7.06 -7.76
C ARG A 49 -5.63 5.56 -7.49
N LEU A 50 -5.45 5.17 -6.23
CA LEU A 50 -5.40 3.75 -5.84
C LEU A 50 -6.74 3.38 -5.19
N GLY A 51 -7.73 3.12 -6.06
CA GLY A 51 -9.08 2.82 -5.61
C GLY A 51 -10.10 3.09 -6.69
N ARG A 52 -11.38 2.93 -6.33
CA ARG A 52 -12.45 3.37 -7.16
C ARG A 52 -13.69 3.48 -6.28
N LEU A 53 -14.63 4.26 -6.78
CA LEU A 53 -15.87 4.56 -6.05
C LEU A 53 -17.10 4.39 -6.93
N PRO A 54 -18.28 4.23 -6.33
CA PRO A 54 -19.48 4.15 -7.17
C PRO A 54 -19.60 5.34 -8.12
N SER A 55 -19.22 6.53 -7.64
CA SER A 55 -19.38 7.75 -8.38
C SER A 55 -18.13 8.11 -9.18
N VAL A 56 -17.06 7.36 -8.97
CA VAL A 56 -15.80 7.61 -9.69
C VAL A 56 -15.18 6.27 -10.09
N PRO A 57 -15.62 5.75 -11.25
CA PRO A 57 -15.14 4.45 -11.74
C PRO A 57 -13.75 4.50 -12.36
N VAL A 58 -12.76 4.75 -11.52
CA VAL A 58 -11.35 4.82 -11.94
C VAL A 58 -10.97 3.64 -12.79
N GLU A 59 -10.36 3.90 -13.95
CA GLU A 59 -9.99 2.80 -14.81
C GLU A 59 -8.94 1.92 -14.21
N TRP A 60 -9.03 0.65 -14.53
CA TRP A 60 -8.09 -0.31 -13.95
C TRP A 60 -6.69 -0.02 -14.40
N ASN A 61 -6.49 0.58 -15.57
CA ASN A 61 -5.12 0.94 -15.99
C ASN A 61 -4.51 1.87 -14.95
N GLU A 62 -5.34 2.72 -14.34
CA GLU A 62 -4.84 3.71 -13.40
C GLU A 62 -4.56 3.06 -12.04
N ILE A 63 -5.47 2.18 -11.60
CA ILE A 63 -5.29 1.40 -10.37
C ILE A 63 -4.02 0.55 -10.48
N ASN A 64 -3.84 -0.06 -11.65
CA ASN A 64 -2.67 -0.94 -11.89
C ASN A 64 -1.38 -0.14 -11.83
N ALA A 65 -1.41 1.05 -12.41
CA ALA A 65 -0.28 1.99 -12.34
C ALA A 65 0.00 2.45 -10.94
N ALA A 66 -1.04 2.74 -10.15
CA ALA A 66 -0.83 3.11 -8.77
C ALA A 66 -0.18 1.96 -7.98
N TRP A 67 -0.66 0.74 -8.23
CA TRP A 67 -0.06 -0.43 -7.59
C TRP A 67 1.40 -0.53 -7.98
N GLY A 68 1.71 -0.28 -9.25
CA GLY A 68 3.08 -0.42 -9.71
C GLY A 68 4.00 0.54 -9.01
N GLN A 69 3.55 1.78 -8.83
CA GLN A 69 4.37 2.75 -8.12
C GLN A 69 4.51 2.43 -6.64
N THR A 70 3.48 1.83 -6.07
CA THR A 70 3.51 1.41 -4.67
C THR A 70 4.50 0.30 -4.44
N VAL A 71 4.54 -0.65 -5.37
CA VAL A 71 5.52 -1.74 -5.31
C VAL A 71 6.92 -1.18 -5.50
N LEU A 72 7.09 -0.26 -6.43
CA LEU A 72 8.42 0.30 -6.65
C LEU A 72 8.90 1.00 -5.37
N LEU A 73 8.00 1.74 -4.74
CA LEU A 73 8.30 2.44 -3.47
C LEU A 73 8.75 1.46 -2.38
N LEU A 74 7.95 0.43 -2.11
CA LEU A 74 8.28 -0.48 -1.01
C LEU A 74 9.57 -1.21 -1.33
N HIS A 75 9.76 -1.59 -2.61
CA HIS A 75 11.03 -2.20 -3.05
C HIS A 75 12.21 -1.30 -2.74
N ALA A 76 12.07 -0.01 -2.99
CA ALA A 76 13.18 0.92 -2.77
C ALA A 76 13.42 1.11 -1.28
N LEU A 77 12.34 1.13 -0.51
CA LEU A 77 12.45 1.32 0.93
C LEU A 77 13.18 0.15 1.57
N ALA A 78 12.78 -1.06 1.17
CA ALA A 78 13.37 -2.29 1.67
C ALA A 78 14.83 -2.42 1.22
N ASN A 79 15.13 -2.01 -0.01
CA ASN A 79 16.51 -2.05 -0.48
C ASN A 79 17.38 -1.05 0.26
N LYS A 80 16.87 0.15 0.48
CA LYS A 80 17.60 1.14 1.26
C LYS A 80 17.90 0.70 2.69
N MET A 81 16.99 -0.09 3.28
CA MET A 81 17.16 -0.55 4.65
C MET A 81 17.90 -1.89 4.82
N GLY A 82 18.17 -2.59 3.72
CA GLY A 82 18.78 -3.90 3.80
C GLY A 82 17.81 -4.98 4.24
N LEU A 83 16.51 -4.69 4.08
CA LEU A 83 15.48 -5.64 4.45
C LEU A 83 15.15 -6.63 3.32
N LYS A 84 15.30 -7.91 3.61
CA LYS A 84 14.88 -8.96 2.68
C LYS A 84 13.59 -9.53 3.24
N PHE A 85 12.49 -9.41 2.51
CA PHE A 85 11.25 -9.90 3.03
C PHE A 85 11.21 -11.41 3.19
N GLN A 86 10.41 -11.84 4.16
CA GLN A 86 10.06 -13.24 4.30
C GLN A 86 8.79 -13.54 3.51
N ARG A 87 8.66 -14.78 3.06
CA ARG A 87 7.41 -15.31 2.42
C ARG A 87 7.20 -14.88 0.96
N TYR A 88 7.64 -13.68 0.60
CA TYR A 88 7.39 -13.12 -0.72
C TYR A 88 8.54 -12.26 -1.18
N ARG A 89 8.65 -12.06 -2.48
CA ARG A 89 9.54 -11.01 -3.00
C ARG A 89 8.74 -10.17 -3.96
N LEU A 90 9.04 -8.89 -3.98
CA LEU A 90 8.39 -7.96 -4.89
C LEU A 90 9.06 -8.00 -6.25
N VAL A 91 8.25 -7.89 -7.31
CA VAL A 91 8.77 -7.81 -8.67
C VAL A 91 8.17 -6.59 -9.30
N PRO A 92 8.92 -5.50 -9.25
CA PRO A 92 8.52 -4.27 -9.94
C PRO A 92 8.48 -4.54 -11.45
N TYR A 93 7.36 -4.18 -12.05
CA TYR A 93 7.11 -4.45 -13.46
C TYR A 93 6.12 -3.45 -14.00
N GLY A 94 6.41 -2.18 -13.72
CA GLY A 94 5.55 -1.10 -14.17
C GLY A 94 4.13 -1.31 -13.69
N ASN A 95 3.16 -1.04 -14.58
CA ASN A 95 1.76 -1.19 -14.22
C ASN A 95 1.23 -2.63 -14.17
N HIS A 96 2.11 -3.62 -14.30
CA HIS A 96 1.72 -5.00 -14.11
C HIS A 96 2.67 -5.67 -13.12
N SER A 97 2.88 -4.99 -11.98
CA SER A 97 3.78 -5.50 -10.96
C SER A 97 3.13 -6.65 -10.20
N TYR A 98 3.95 -7.40 -9.50
CA TYR A 98 3.48 -8.62 -8.86
C TYR A 98 4.43 -9.07 -7.76
N LEU A 99 4.00 -10.07 -7.01
CA LEU A 99 4.88 -10.76 -6.04
C LEU A 99 5.07 -12.19 -6.43
N GLU A 100 6.14 -12.76 -5.91
CA GLU A 100 6.35 -14.20 -5.97
C GLU A 100 6.40 -14.76 -4.55
N SER A 101 5.76 -15.90 -4.35
CA SER A 101 5.84 -16.62 -3.10
C SER A 101 7.18 -17.36 -3.10
N LEU A 102 7.87 -17.26 -1.98
CA LEU A 102 9.14 -17.95 -1.76
C LEU A 102 8.99 -19.42 -1.46
N THR A 103 7.78 -19.87 -1.19
CA THR A 103 7.61 -21.31 -0.87
C THR A 103 6.76 -22.04 -1.86
N ASP A 104 5.97 -21.31 -2.62
CA ASP A 104 5.09 -21.91 -3.60
C ASP A 104 5.34 -21.29 -4.96
N LYS A 105 6.12 -21.98 -5.76
CA LYS A 105 6.55 -21.43 -7.01
C LYS A 105 5.35 -21.30 -7.98
N SER A 106 4.27 -22.01 -7.66
CA SER A 106 3.10 -22.09 -8.50
C SER A 106 2.21 -20.84 -8.37
N LYS A 107 2.34 -20.19 -7.23
CA LYS A 107 1.34 -19.23 -6.79
C LYS A 107 1.46 -17.94 -7.60
N GLU A 108 0.33 -17.48 -8.16
CA GLU A 108 0.31 -16.24 -8.94
C GLU A 108 -0.22 -15.13 -8.08
N LEU A 109 0.51 -14.02 -8.02
CA LEU A 109 0.16 -12.93 -7.13
C LEU A 109 0.29 -11.61 -7.85
N PRO A 110 -0.65 -11.36 -8.77
CA PRO A 110 -0.61 -10.11 -9.56
C PRO A 110 -1.10 -8.93 -8.78
N LEU A 111 -0.40 -7.79 -8.85
CA LEU A 111 -0.93 -6.58 -8.21
C LEU A 111 -1.47 -5.70 -9.34
N TYR A 112 -2.38 -6.29 -10.11
CA TYR A 112 -3.05 -5.61 -11.21
C TYR A 112 -4.28 -6.46 -11.55
N CYS A 113 -5.28 -5.82 -12.14
CA CYS A 113 -6.43 -6.54 -12.62
C CYS A 113 -6.99 -5.88 -13.87
N SER A 114 -7.84 -6.59 -14.59
CA SER A 114 -8.52 -5.97 -15.72
C SER A 114 -9.91 -5.65 -15.24
N GLY A 115 -10.69 -5.02 -16.11
CA GLY A 115 -11.92 -4.42 -15.65
C GLY A 115 -12.96 -5.41 -15.17
N GLY A 116 -14.22 -5.06 -15.42
CA GLY A 116 -15.33 -5.96 -15.22
C GLY A 116 -15.84 -6.05 -13.79
N LEU A 117 -16.29 -7.26 -13.46
CA LEU A 117 -17.03 -7.53 -12.24
C LEU A 117 -16.26 -8.53 -11.41
N ARG A 118 -16.19 -8.28 -10.11
CA ARG A 118 -15.44 -9.15 -9.20
C ARG A 118 -15.83 -10.62 -9.43
N PHE A 119 -17.10 -10.83 -9.78
CA PHE A 119 -17.68 -12.17 -9.96
C PHE A 119 -16.85 -13.05 -10.90
N PHE A 120 -16.32 -12.45 -11.96
CA PHE A 120 -15.67 -13.23 -13.00
C PHE A 120 -14.17 -13.41 -12.77
N TRP A 121 -13.73 -13.08 -11.56
CA TRP A 121 -12.32 -13.19 -11.20
C TRP A 121 -12.03 -14.26 -10.14
N ASP A 122 -10.86 -14.86 -10.20
CA ASP A 122 -10.44 -15.69 -9.08
C ASP A 122 -9.86 -14.77 -8.01
N ASN A 123 -9.22 -15.36 -7.03
CA ASN A 123 -8.81 -14.54 -5.91
C ASN A 123 -7.36 -14.09 -6.02
N LYS A 124 -6.71 -14.27 -7.17
CA LYS A 124 -5.29 -14.01 -7.27
C LYS A 124 -4.91 -12.57 -6.89
N PHE A 125 -5.66 -11.59 -7.40
CA PHE A 125 -5.39 -10.19 -7.09
C PHE A 125 -5.58 -9.93 -5.60
N ASP A 126 -6.66 -10.45 -5.02
CA ASP A 126 -6.88 -10.31 -3.58
C ASP A 126 -5.75 -10.98 -2.78
N HIS A 127 -5.31 -12.19 -3.18
CA HIS A 127 -4.21 -12.83 -2.46
C HIS A 127 -2.96 -11.96 -2.56
N ALA A 128 -2.73 -11.37 -3.72
CA ALA A 128 -1.56 -10.52 -3.94
C ALA A 128 -1.56 -9.32 -3.02
N MET A 129 -2.72 -8.67 -2.87
CA MET A 129 -2.81 -7.52 -2.00
C MET A 129 -2.61 -7.86 -0.54
N VAL A 130 -3.06 -9.04 -0.11
CA VAL A 130 -2.84 -9.46 1.27
C VAL A 130 -1.37 -9.82 1.44
N ALA A 131 -0.73 -10.38 0.41
CA ALA A 131 0.72 -10.66 0.48
C ALA A 131 1.51 -9.34 0.54
N PHE A 132 1.06 -8.33 -0.18
CA PHE A 132 1.72 -7.05 -0.12
C PHE A 132 1.60 -6.41 1.27
N LEU A 133 0.39 -6.44 1.84
CA LEU A 133 0.19 -5.95 3.19
C LEU A 133 1.11 -6.68 4.20
N ASP A 134 1.34 -7.98 3.99
CA ASP A 134 2.30 -8.74 4.79
C ASP A 134 3.66 -8.08 4.69
N CYS A 135 4.09 -7.75 3.50
CA CYS A 135 5.36 -7.06 3.31
C CYS A 135 5.36 -5.66 3.94
N VAL A 136 4.26 -4.94 3.86
CA VAL A 136 4.22 -3.61 4.48
C VAL A 136 4.33 -3.78 5.98
N GLN A 137 3.70 -4.80 6.53
CA GLN A 137 3.80 -5.03 7.97
C GLN A 137 5.24 -5.40 8.37
N GLN A 138 5.95 -6.15 7.52
CA GLN A 138 7.35 -6.48 7.80
C GLN A 138 8.21 -5.22 7.80
N PHE A 139 7.94 -4.33 6.87
CA PHE A 139 8.64 -3.05 6.82
C PHE A 139 8.35 -2.27 8.11
N LYS A 140 7.08 -2.23 8.50
CA LYS A 140 6.69 -1.56 9.77
C LYS A 140 7.50 -2.06 10.93
N GLU A 141 7.64 -3.37 11.03
CA GLU A 141 8.37 -3.92 12.15
C GLU A 141 9.84 -3.49 12.15
N GLU A 142 10.44 -3.37 10.97
CA GLU A 142 11.82 -2.95 10.89
C GLU A 142 12.05 -1.49 11.26
N VAL A 143 11.20 -0.58 10.78
CA VAL A 143 11.33 0.84 11.14
C VAL A 143 11.02 1.10 12.61
N GLU A 144 10.22 0.23 13.22
CA GLU A 144 9.77 0.47 14.60
C GLU A 144 10.69 -0.19 15.62
N LYS A 145 11.63 -0.99 15.14
CA LYS A 145 12.49 -1.76 16.03
C LYS A 145 13.42 -0.84 16.84
N GLY A 146 13.52 -1.09 18.14
CA GLY A 146 14.43 -0.33 18.98
C GLY A 146 13.76 0.83 19.69
N THR A 148 13.36 4.21 19.67
CA THR A 148 12.33 5.06 19.07
C THR A 148 10.92 4.70 19.58
N ARG A 149 10.10 5.72 19.76
CA ARG A 149 8.67 5.53 20.08
C ARG A 149 7.84 5.64 18.79
N PHE A 150 8.53 5.78 17.68
CA PHE A 150 7.90 5.96 16.37
C PHE A 150 6.98 4.81 16.01
N CYS A 151 5.82 5.13 15.43
CA CYS A 151 4.92 4.11 14.91
C CYS A 151 4.24 4.62 13.63
N LEU A 152 4.08 3.75 12.64
CA LEU A 152 3.23 4.06 11.50
C LEU A 152 1.82 4.19 12.01
N PRO A 153 1.03 5.08 11.40
CA PRO A 153 -0.23 5.47 12.03
C PRO A 153 -1.36 4.43 12.03
N TYR A 154 -1.41 3.55 11.05
CA TYR A 154 -2.56 2.65 10.88
C TYR A 154 -2.14 1.19 11.14
N ARG A 155 -2.78 0.53 12.08
CA ARG A 155 -2.41 -0.85 12.43
C ARG A 155 -2.88 -1.71 11.30
N MET A 156 -2.07 -2.70 10.96
CA MET A 156 -2.37 -3.63 9.89
C MET A 156 -2.59 -5.02 10.49
N ASP A 157 -3.58 -5.74 9.94
CA ASP A 157 -3.92 -7.10 10.38
C ASP A 157 -3.76 -8.01 9.15
N VAL A 158 -2.60 -8.67 9.08
CA VAL A 158 -2.24 -9.42 7.91
C VAL A 158 -3.07 -10.71 7.76
N GLU A 159 -3.34 -11.38 8.88
CA GLU A 159 -4.14 -12.58 8.90
C GLU A 159 -5.49 -12.32 8.21
N LYS A 160 -6.10 -11.19 8.54
CA LYS A 160 -7.46 -10.91 8.05
C LYS A 160 -7.48 -10.06 6.79
N GLY A 161 -6.31 -9.55 6.41
CA GLY A 161 -6.20 -8.68 5.27
C GLY A 161 -6.87 -7.35 5.48
N LYS A 162 -6.73 -6.76 6.66
CA LYS A 162 -7.39 -5.50 6.98
C LYS A 162 -6.43 -4.45 7.54
N ILE A 163 -6.82 -3.18 7.45
CA ILE A 163 -6.09 -2.07 8.05
C ILE A 163 -7.09 -1.28 8.88
N GLU A 164 -6.63 -0.82 10.04
CA GLU A 164 -7.48 -0.18 11.01
C GLU A 164 -7.33 1.32 10.98
N ASP A 165 -8.43 2.04 11.12
CA ASP A 165 -8.38 3.48 11.25
C ASP A 165 -8.08 3.81 12.71
N THR A 166 -6.86 3.51 13.10
CA THR A 166 -6.43 3.65 14.47
C THR A 166 -6.57 5.14 14.92
N GLY A 167 -7.28 5.37 16.02
CA GLY A 167 -7.47 6.75 16.46
C GLY A 167 -8.39 7.62 15.59
N GLY A 168 -8.96 7.04 14.55
CA GLY A 168 -10.01 7.68 13.77
C GLY A 168 -11.32 7.00 14.13
N SER A 169 -11.90 6.25 13.17
CA SER A 169 -13.15 5.55 13.43
C SER A 169 -12.96 4.33 14.29
N GLY A 170 -11.72 3.86 14.30
CA GLY A 170 -11.42 2.62 15.00
C GLY A 170 -11.85 1.37 14.26
N GLY A 171 -12.39 1.53 13.06
CA GLY A 171 -12.86 0.40 12.29
C GLY A 171 -11.75 -0.27 11.53
N SER A 172 -12.06 -1.47 11.04
CA SER A 172 -11.11 -2.26 10.25
C SER A 172 -11.65 -2.45 8.87
N TYR A 173 -10.82 -2.15 7.87
CA TYR A 173 -11.21 -2.09 6.47
C TYR A 173 -10.40 -3.06 5.63
N SER A 174 -11.07 -3.85 4.79
CA SER A 174 -10.42 -4.90 3.99
C SER A 174 -9.68 -4.41 2.76
N ILE A 175 -8.49 -4.96 2.52
CA ILE A 175 -7.71 -4.68 1.34
C ILE A 175 -8.15 -5.62 0.21
N LYS A 176 -9.03 -6.56 0.49
CA LYS A 176 -9.53 -7.48 -0.54
C LYS A 176 -10.74 -6.89 -1.24
N THR A 177 -10.98 -7.24 -2.49
CA THR A 177 -12.13 -6.73 -3.20
C THR A 177 -13.36 -7.61 -2.93
N GLN A 178 -13.14 -8.89 -2.71
CA GLN A 178 -14.24 -9.80 -2.55
C GLN A 178 -14.98 -9.52 -1.22
N PHE A 179 -16.30 -9.49 -1.29
CA PHE A 179 -17.12 -9.26 -0.11
C PHE A 179 -16.90 -7.89 0.50
N ASN A 180 -16.43 -6.94 -0.32
CA ASN A 180 -16.13 -5.59 0.13
C ASN A 180 -16.89 -4.59 -0.71
N SER A 181 -16.97 -3.35 -0.24
CA SER A 181 -17.47 -2.28 -1.08
C SER A 181 -16.31 -1.49 -1.65
N GLU A 182 -16.54 -0.80 -2.76
CA GLU A 182 -15.47 -0.02 -3.39
C GLU A 182 -15.01 1.08 -2.44
N GLU A 183 -15.93 1.69 -1.73
CA GLU A 183 -15.55 2.77 -0.82
C GLU A 183 -14.67 2.31 0.36
N GLN A 184 -14.96 1.15 0.95
CA GLN A 184 -14.11 0.62 2.02
C GLN A 184 -12.77 0.16 1.51
N TRP A 185 -12.75 -0.44 0.33
CA TRP A 185 -11.49 -0.87 -0.26
C TRP A 185 -10.59 0.34 -0.52
N THR A 186 -11.16 1.40 -1.05
CA THR A 186 -10.43 2.63 -1.30
C THR A 186 -9.88 3.21 -0.01
N LYS A 187 -10.67 3.18 1.06
CA LYS A 187 -10.23 3.65 2.38
C LYS A 187 -9.06 2.84 2.89
N ALA A 188 -9.13 1.51 2.79
CA ALA A 188 -8.02 0.68 3.21
C ALA A 188 -6.74 1.01 2.45
N LEU A 189 -6.86 1.14 1.14
CA LEU A 189 -5.70 1.45 0.32
C LEU A 189 -5.12 2.82 0.69
N LYS A 190 -5.99 3.76 1.02
CA LYS A 190 -5.51 5.08 1.40
C LYS A 190 -4.78 5.05 2.74
N PHE A 191 -5.27 4.23 3.68
CA PHE A 191 -4.56 4.08 4.94
C PHE A 191 -3.18 3.40 4.66
N MET A 192 -3.15 2.44 3.75
CA MET A 192 -1.89 1.76 3.43
C MET A 192 -0.91 2.78 2.85
N LEU A 193 -1.34 3.62 1.90
CA LEU A 193 -0.44 4.59 1.30
C LEU A 193 0.08 5.59 2.35
N THR A 194 -0.74 5.91 3.33
CA THR A 194 -0.34 6.83 4.41
C THR A 194 0.77 6.22 5.24
N ASN A 195 0.63 4.93 5.55
CA ASN A 195 1.69 4.21 6.26
C ASN A 195 2.98 4.24 5.46
N LEU A 196 2.89 4.00 4.15
CA LEU A 196 4.09 4.02 3.34
C LEU A 196 4.69 5.42 3.26
N LYS A 197 3.84 6.43 3.29
CA LYS A 197 4.36 7.80 3.24
C LYS A 197 5.15 8.11 4.49
N TRP A 198 4.60 7.67 5.64
CA TRP A 198 5.29 7.82 6.92
C TRP A 198 6.58 7.04 6.91
N GLY A 199 6.56 5.90 6.25
CA GLY A 199 7.75 5.06 6.16
C GLY A 199 8.82 5.74 5.35
N LEU A 200 8.40 6.41 4.28
CA LEU A 200 9.33 7.13 3.45
C LEU A 200 9.95 8.30 4.22
N ALA A 201 9.13 8.98 5.01
CA ALA A 201 9.62 10.09 5.83
C ALA A 201 10.65 9.58 6.84
N TRP A 202 10.38 8.42 7.45
CA TRP A 202 11.26 7.92 8.49
C TRP A 202 12.56 7.44 7.87
N VAL A 203 12.44 6.73 6.75
CA VAL A 203 13.61 6.18 6.08
C VAL A 203 14.48 7.29 5.50
N SER A 204 13.86 8.32 4.94
CA SER A 204 14.59 9.46 4.40
C SER A 204 15.29 10.24 5.51
N SER A 205 14.73 10.22 6.72
CA SER A 205 15.30 10.91 7.87
C SER A 205 16.47 10.14 8.51
N GLN A 206 16.32 8.82 8.62
CA GLN A 206 17.19 7.99 9.44
C GLN A 206 18.28 7.30 8.63
N PHE A 207 18.23 7.47 7.30
CA PHE A 207 19.21 6.86 6.40
C PHE A 207 19.86 7.91 5.51
#